data_9IB6
#
_entry.id   9IB6
#
_cell.length_a   83.501
_cell.length_b   83.501
_cell.length_c   105.577
_cell.angle_alpha   90.000
_cell.angle_beta   90.000
_cell.angle_gamma   120.000
#
_symmetry.space_group_name_H-M   'H 3 2'
#
loop_
_entity.id
_entity.type
_entity.pdbx_description
1 polymer 'Photorhabdus luminescens subsp. laumondii TTO1 complete genome segment 15/17'
2 non-polymer 'SODIUM ION'
3 water water
#
_entity_poly.entity_id   1
_entity_poly.type   'polypeptide(L)'
_entity_poly.pdbx_seq_one_letter_code
;MSIVFASIDPRSNPLQTSSQNYVDIPGLKLDVSKYSNSPCLTALITLNIPTPYASGNNFPGGNFAIVTDQGEQLAYGGFT
YSSKIPENSGRMPFTLVARYSLASNVSTIKAQWSNIRGSTVHIDSYASISAVIQCNQLV
;
_entity_poly.pdbx_strand_id   A
#
loop_
_chem_comp.id
_chem_comp.type
_chem_comp.name
_chem_comp.formula
NA non-polymer 'SODIUM ION' 'Na 1'
#
# COMPACT_ATOMS: atom_id res chain seq x y z
N SER A 2 8.16 -19.09 3.61
CA SER A 2 8.81 -18.53 2.39
C SER A 2 8.49 -17.05 2.37
N ILE A 3 9.19 -16.33 1.50
CA ILE A 3 9.05 -14.89 1.33
C ILE A 3 8.60 -14.58 -0.09
N VAL A 4 7.62 -13.69 -0.20
CA VAL A 4 7.21 -13.08 -1.46
CA VAL A 4 7.26 -13.09 -1.48
C VAL A 4 7.43 -11.58 -1.32
N PHE A 5 7.94 -10.94 -2.37
CA PHE A 5 8.36 -9.55 -2.24
C PHE A 5 8.24 -8.82 -3.56
N ALA A 6 7.85 -7.53 -3.48
CA ALA A 6 7.94 -6.62 -4.62
C ALA A 6 8.30 -5.23 -4.10
N SER A 7 9.12 -4.55 -4.87
CA SER A 7 9.42 -3.16 -4.53
C SER A 7 9.38 -2.30 -5.76
N ILE A 8 9.27 -0.98 -5.50
CA ILE A 8 9.40 0.05 -6.51
C ILE A 8 10.38 1.11 -6.02
N ASP A 9 10.87 1.91 -6.97
CA ASP A 9 11.77 3.01 -6.65
C ASP A 9 11.64 4.08 -7.71
N PRO A 10 10.48 4.77 -7.76
CA PRO A 10 10.14 5.61 -8.91
C PRO A 10 10.75 7.02 -8.81
N ARG A 11 12.06 7.11 -8.75
CA ARG A 11 12.76 8.38 -8.70
C ARG A 11 12.63 9.15 -9.99
N SER A 12 12.72 8.49 -11.14
CA SER A 12 12.80 9.19 -12.41
CA SER A 12 12.80 9.19 -12.40
C SER A 12 11.41 9.53 -12.90
N ASN A 13 10.38 8.77 -12.47
CA ASN A 13 9.01 8.97 -12.90
CA ASN A 13 9.00 8.90 -12.92
C ASN A 13 8.10 8.73 -11.70
N PRO A 14 7.97 9.77 -10.82
CA PRO A 14 7.21 9.62 -9.61
C PRO A 14 5.74 9.30 -9.83
N LEU A 15 5.16 8.70 -8.79
CA LEU A 15 3.77 8.33 -8.74
C LEU A 15 2.95 9.34 -7.95
N GLN A 16 1.71 9.53 -8.36
CA GLN A 16 0.80 10.38 -7.61
C GLN A 16 -0.62 9.91 -7.84
N THR A 17 -1.48 10.24 -6.87
CA THR A 17 -2.92 10.06 -7.03
C THR A 17 -3.65 11.22 -6.34
N SER A 18 -4.72 11.64 -7.01
CA SER A 18 -5.74 12.51 -6.46
CA SER A 18 -5.72 12.48 -6.39
C SER A 18 -7.09 11.81 -6.45
N SER A 19 -7.06 10.47 -6.39
CA SER A 19 -8.27 9.67 -6.45
C SER A 19 -8.92 9.57 -5.06
N GLN A 20 -10.23 9.82 -4.95
CA GLN A 20 -10.94 9.63 -3.69
C GLN A 20 -11.14 8.13 -3.38
N ASN A 21 -11.32 7.33 -4.43
CA ASN A 21 -11.44 5.89 -4.28
C ASN A 21 -10.04 5.27 -4.29
N TYR A 22 -9.91 4.13 -3.60
CA TYR A 22 -8.66 3.38 -3.63
C TYR A 22 -8.34 2.92 -5.05
N VAL A 23 -7.07 3.12 -5.47
CA VAL A 23 -6.56 2.62 -6.73
C VAL A 23 -5.24 1.95 -6.45
N ASP A 24 -4.88 0.98 -7.31
CA ASP A 24 -3.63 0.25 -7.18
C ASP A 24 -2.41 1.16 -7.25
N ILE A 25 -1.44 0.88 -6.39
CA ILE A 25 -0.10 1.44 -6.53
C ILE A 25 0.66 0.55 -7.50
N PRO A 26 1.00 1.02 -8.72
CA PRO A 26 1.62 0.09 -9.68
C PRO A 26 2.94 -0.45 -9.14
N GLY A 27 3.12 -1.77 -9.34
CA GLY A 27 4.36 -2.43 -8.99
C GLY A 27 4.33 -3.06 -7.60
N LEU A 28 3.34 -2.68 -6.75
CA LEU A 28 3.26 -3.20 -5.41
C LEU A 28 2.20 -4.29 -5.31
N LYS A 29 2.51 -5.40 -5.99
CA LYS A 29 1.62 -6.56 -6.09
C LYS A 29 2.44 -7.83 -5.84
N LEU A 30 1.85 -8.75 -5.07
CA LEU A 30 2.40 -10.05 -4.76
C LEU A 30 1.56 -11.13 -5.45
N ASP A 31 2.25 -12.00 -6.17
CA ASP A 31 1.62 -13.19 -6.75
C ASP A 31 1.72 -14.36 -5.76
N VAL A 32 0.57 -14.76 -5.24
CA VAL A 32 0.51 -15.85 -4.29
C VAL A 32 -0.19 -17.08 -4.87
N SER A 33 -0.31 -17.17 -6.19
CA SER A 33 -1.01 -18.27 -6.83
CA SER A 33 -1.04 -18.26 -6.82
C SER A 33 -0.48 -19.64 -6.42
N LYS A 34 0.81 -19.72 -6.18
CA LYS A 34 1.39 -21.03 -5.92
C LYS A 34 0.93 -21.58 -4.58
N TYR A 35 0.45 -20.70 -3.70
CA TYR A 35 0.05 -21.04 -2.35
C TYR A 35 -1.46 -21.07 -2.15
N SER A 36 -2.22 -20.79 -3.20
CA SER A 36 -3.67 -20.68 -3.03
C SER A 36 -4.32 -22.02 -2.79
N ASN A 37 -5.56 -21.97 -2.28
CA ASN A 37 -6.37 -23.15 -1.97
C ASN A 37 -5.67 -24.06 -0.96
N SER A 38 -4.96 -23.43 -0.02
CA SER A 38 -4.12 -24.06 0.97
C SER A 38 -4.55 -23.62 2.37
N PRO A 39 -5.65 -24.17 2.94
CA PRO A 39 -6.12 -23.77 4.25
C PRO A 39 -5.14 -23.82 5.40
N CYS A 40 -4.07 -24.64 5.32
N CYS A 40 -4.04 -24.58 5.24
CA CYS A 40 -3.07 -24.69 6.39
CA CYS A 40 -3.07 -24.72 6.29
C CYS A 40 -2.03 -23.59 6.26
C CYS A 40 -2.01 -23.61 6.23
N LEU A 41 -2.09 -22.74 5.23
CA LEU A 41 -1.10 -21.68 5.04
C LEU A 41 -1.72 -20.30 5.33
N THR A 42 -0.86 -19.42 5.84
CA THR A 42 -1.23 -18.03 6.13
C THR A 42 -0.09 -17.14 5.65
N ALA A 43 -0.47 -15.95 5.16
CA ALA A 43 0.46 -14.90 4.80
C ALA A 43 0.38 -13.74 5.79
N LEU A 44 1.56 -13.30 6.25
CA LEU A 44 1.68 -12.08 7.04
C LEU A 44 2.29 -11.01 6.12
N ILE A 45 1.51 -9.96 5.81
CA ILE A 45 1.81 -9.04 4.74
C ILE A 45 2.15 -7.64 5.28
N THR A 46 3.30 -7.12 4.86
CA THR A 46 3.69 -5.77 5.27
C THR A 46 3.83 -4.89 4.04
N LEU A 47 3.12 -3.73 4.09
CA LEU A 47 3.25 -2.69 3.09
C LEU A 47 4.08 -1.58 3.74
N ASN A 48 5.20 -1.22 3.10
CA ASN A 48 6.13 -0.25 3.64
C ASN A 48 6.26 0.88 2.63
N ILE A 49 5.78 2.09 3.02
CA ILE A 49 5.87 3.30 2.21
CA ILE A 49 5.91 3.28 2.20
C ILE A 49 6.65 4.28 3.07
N PRO A 50 7.98 4.24 3.04
CA PRO A 50 8.73 4.96 4.08
C PRO A 50 8.82 6.47 3.87
N THR A 51 8.58 6.97 2.65
CA THR A 51 8.84 8.38 2.38
C THR A 51 7.73 9.06 1.54
N PRO A 52 6.44 8.85 1.85
CA PRO A 52 5.39 9.50 1.07
C PRO A 52 5.20 10.95 1.56
N TYR A 53 4.43 11.70 0.79
CA TYR A 53 3.90 12.99 1.24
C TYR A 53 2.59 13.23 0.53
N ALA A 54 1.89 14.29 0.96
CA ALA A 54 0.68 14.68 0.27
C ALA A 54 0.60 16.20 0.19
N SER A 55 0.22 16.68 -0.95
CA SER A 55 0.00 18.11 -1.17
C SER A 55 -1.48 18.41 -1.08
N GLY A 56 -1.79 19.65 -0.73
CA GLY A 56 -3.18 20.08 -0.71
C GLY A 56 -3.39 21.24 0.26
N ASN A 57 -4.64 21.67 0.37
CA ASN A 57 -4.93 22.88 1.12
C ASN A 57 -6.07 22.69 2.12
N ASN A 58 -6.37 21.44 2.47
CA ASN A 58 -7.40 21.23 3.47
C ASN A 58 -7.02 20.05 4.38
N PHE A 59 -5.95 20.26 5.16
CA PHE A 59 -5.45 19.20 6.05
C PHE A 59 -5.12 17.93 5.26
N PRO A 60 -4.19 18.04 4.32
CA PRO A 60 -3.93 16.95 3.40
C PRO A 60 -3.37 15.70 4.11
N GLY A 61 -3.46 14.58 3.38
CA GLY A 61 -2.91 13.31 3.83
C GLY A 61 -3.12 12.29 2.74
N GLY A 62 -2.80 11.03 3.09
CA GLY A 62 -2.96 9.91 2.19
C GLY A 62 -3.39 8.67 2.96
N ASN A 63 -4.22 7.85 2.28
CA ASN A 63 -4.62 6.56 2.82
C ASN A 63 -4.05 5.45 1.96
N PHE A 64 -3.79 4.34 2.65
CA PHE A 64 -3.27 3.12 2.02
C PHE A 64 -4.03 1.90 2.51
N ALA A 65 -4.05 0.85 1.64
CA ALA A 65 -4.73 -0.39 1.97
C ALA A 65 -3.95 -1.56 1.37
N ILE A 66 -4.13 -2.73 2.02
CA ILE A 66 -3.73 -4.02 1.49
C ILE A 66 -5.00 -4.75 1.12
N VAL A 67 -5.10 -5.22 -0.14
CA VAL A 67 -6.31 -5.88 -0.63
C VAL A 67 -5.91 -7.15 -1.39
N THR A 68 -6.92 -7.99 -1.61
CA THR A 68 -6.78 -9.11 -2.55
C THR A 68 -7.67 -8.86 -3.76
N ASP A 69 -7.48 -9.72 -4.76
CA ASP A 69 -8.29 -9.68 -5.97
C ASP A 69 -9.58 -10.48 -5.76
N GLN A 70 -9.92 -10.78 -4.50
CA GLN A 70 -11.23 -11.28 -4.14
CA GLN A 70 -11.22 -11.29 -4.12
C GLN A 70 -12.08 -10.25 -3.41
N GLY A 71 -11.66 -8.98 -3.41
CA GLY A 71 -12.40 -7.87 -2.83
C GLY A 71 -12.30 -7.76 -1.32
N GLU A 72 -11.29 -8.38 -0.73
CA GLU A 72 -11.09 -8.34 0.71
C GLU A 72 -10.16 -7.15 0.99
N GLN A 73 -10.58 -6.23 1.88
CA GLN A 73 -9.68 -5.18 2.35
C GLN A 73 -9.11 -5.67 3.66
N LEU A 74 -7.85 -6.12 3.61
CA LEU A 74 -7.27 -6.79 4.76
C LEU A 74 -6.77 -5.82 5.83
N ALA A 75 -6.46 -4.57 5.43
CA ALA A 75 -5.92 -3.58 6.35
C ALA A 75 -6.00 -2.23 5.65
N TYR A 76 -6.01 -1.13 6.44
CA TYR A 76 -5.99 0.22 5.86
C TYR A 76 -5.48 1.14 6.95
N GLY A 77 -4.99 2.30 6.49
CA GLY A 77 -4.60 3.34 7.40
C GLY A 77 -4.05 4.50 6.61
N GLY A 78 -3.58 5.53 7.32
CA GLY A 78 -3.04 6.67 6.59
C GLY A 78 -2.34 7.68 7.50
N PHE A 79 -1.78 8.69 6.83
CA PHE A 79 -1.21 9.84 7.53
C PHE A 79 -1.95 11.12 7.17
N THR A 80 -1.94 12.09 8.09
CA THR A 80 -2.40 13.44 7.78
C THR A 80 -1.47 14.42 8.48
N TYR A 81 -1.48 15.67 7.96
CA TYR A 81 -0.73 16.75 8.56
C TYR A 81 -1.56 17.43 9.64
N SER A 82 -0.83 18.22 10.46
CA SER A 82 -1.38 18.87 11.64
C SER A 82 -1.72 20.33 11.39
N SER A 83 -1.66 20.79 10.15
CA SER A 83 -1.97 22.15 9.74
CA SER A 83 -2.19 22.11 9.86
C SER A 83 -2.93 22.05 8.54
N LYS A 84 -3.70 23.11 8.28
CA LYS A 84 -4.59 23.09 7.13
CA LYS A 84 -4.59 23.10 7.13
C LYS A 84 -3.81 23.12 5.81
N ILE A 85 -2.78 23.97 5.75
CA ILE A 85 -1.97 24.12 4.57
C ILE A 85 -0.52 24.10 5.01
N PRO A 86 0.10 22.89 5.14
CA PRO A 86 1.50 22.82 5.56
C PRO A 86 2.41 23.57 4.60
N GLU A 87 3.36 24.33 5.14
CA GLU A 87 4.22 25.09 4.25
C GLU A 87 5.21 24.22 3.50
N ASN A 88 5.47 23.02 4.02
CA ASN A 88 6.21 21.95 3.39
C ASN A 88 5.43 20.66 3.64
N SER A 89 5.17 19.88 2.57
CA SER A 89 4.53 18.60 2.75
C SER A 89 5.58 17.59 3.20
N GLY A 90 5.76 17.47 4.49
CA GLY A 90 6.84 16.65 4.99
C GLY A 90 6.67 15.15 4.71
N ARG A 91 7.79 14.45 4.74
CA ARG A 91 7.76 13.01 4.48
C ARG A 91 7.30 12.30 5.75
N MET A 92 6.28 11.43 5.60
CA MET A 92 5.53 10.84 6.69
C MET A 92 5.58 9.29 6.58
N PRO A 93 6.60 8.66 7.18
CA PRO A 93 6.79 7.20 6.96
C PRO A 93 5.56 6.43 7.38
N PHE A 94 5.22 5.42 6.58
CA PHE A 94 3.98 4.67 6.76
C PHE A 94 4.25 3.17 6.57
N THR A 95 3.76 2.37 7.50
CA THR A 95 3.82 0.89 7.36
C THR A 95 2.47 0.33 7.80
N LEU A 96 2.08 -0.81 7.21
CA LEU A 96 0.77 -1.40 7.43
C LEU A 96 0.96 -2.93 7.37
N VAL A 97 0.41 -3.64 8.35
CA VAL A 97 0.59 -5.10 8.45
C VAL A 97 -0.77 -5.77 8.48
N ALA A 98 -0.95 -6.82 7.65
CA ALA A 98 -2.19 -7.57 7.48
C ALA A 98 -1.88 -9.07 7.55
N ARG A 99 -2.93 -9.85 7.72
CA ARG A 99 -2.85 -11.31 7.69
C ARG A 99 -3.91 -11.83 6.75
N TYR A 100 -3.56 -12.92 6.01
CA TYR A 100 -4.57 -13.53 5.19
C TYR A 100 -4.36 -15.04 5.16
N SER A 101 -5.43 -15.78 5.49
CA SER A 101 -5.46 -17.21 5.25
C SER A 101 -5.38 -17.43 3.75
N LEU A 102 -4.68 -18.50 3.33
CA LEU A 102 -4.57 -18.85 1.93
C LEU A 102 -5.55 -19.96 1.53
N ALA A 103 -6.60 -20.15 2.34
CA ALA A 103 -7.63 -21.17 2.06
C ALA A 103 -8.31 -20.99 0.72
N SER A 104 -8.57 -19.74 0.37
CA SER A 104 -9.37 -19.39 -0.79
C SER A 104 -8.55 -19.43 -2.08
N ASN A 105 -9.24 -19.19 -3.19
CA ASN A 105 -8.62 -19.16 -4.49
C ASN A 105 -7.96 -17.79 -4.77
N VAL A 106 -7.24 -17.22 -3.83
CA VAL A 106 -6.50 -15.97 -4.01
C VAL A 106 -5.31 -16.11 -4.97
N SER A 107 -5.11 -15.09 -5.78
CA SER A 107 -4.03 -14.99 -6.74
C SER A 107 -3.05 -13.84 -6.42
N THR A 108 -3.60 -12.73 -5.92
CA THR A 108 -2.89 -11.48 -5.80
C THR A 108 -3.23 -10.79 -4.49
N ILE A 109 -2.18 -10.31 -3.82
CA ILE A 109 -2.29 -9.40 -2.70
C ILE A 109 -1.55 -8.14 -3.08
N LYS A 110 -2.20 -6.98 -2.94
CA LYS A 110 -1.63 -5.78 -3.51
C LYS A 110 -1.96 -4.54 -2.66
N ALA A 111 -1.18 -3.49 -2.94
CA ALA A 111 -1.32 -2.20 -2.31
C ALA A 111 -2.23 -1.28 -3.12
N GLN A 112 -3.03 -0.50 -2.35
CA GLN A 112 -3.81 0.57 -2.94
C GLN A 112 -3.60 1.86 -2.13
N TRP A 113 -3.95 2.98 -2.75
CA TRP A 113 -3.92 4.29 -2.08
C TRP A 113 -5.08 5.13 -2.54
N SER A 114 -5.37 6.17 -1.73
CA SER A 114 -6.38 7.16 -2.04
C SER A 114 -6.03 8.45 -1.31
N ASN A 115 -6.69 9.53 -1.74
CA ASN A 115 -6.43 10.85 -1.17
C ASN A 115 -7.34 11.12 0.03
N ILE A 116 -7.15 12.35 0.58
CA ILE A 116 -7.97 12.80 1.68
C ILE A 116 -8.25 14.29 1.43
N ARG A 117 -9.51 14.69 1.50
CA ARG A 117 -9.89 16.09 1.37
C ARG A 117 -9.26 16.74 0.15
N GLY A 118 -9.32 16.05 -0.99
CA GLY A 118 -8.82 16.59 -2.24
C GLY A 118 -7.32 16.67 -2.42
N SER A 119 -6.55 16.03 -1.54
CA SER A 119 -5.11 16.02 -1.61
C SER A 119 -4.60 15.28 -2.85
N THR A 120 -3.31 15.44 -3.11
CA THR A 120 -2.58 14.57 -4.03
C THR A 120 -1.50 13.88 -3.20
N VAL A 121 -1.49 12.53 -3.28
CA VAL A 121 -0.52 11.72 -2.56
C VAL A 121 0.61 11.40 -3.53
N HIS A 122 1.85 11.37 -3.02
CA HIS A 122 3.04 11.23 -3.85
C HIS A 122 3.97 10.15 -3.29
N ILE A 123 4.56 9.35 -4.20
CA ILE A 123 5.66 8.42 -3.94
C ILE A 123 6.72 8.67 -5.01
N ASP A 124 7.96 8.99 -4.62
CA ASP A 124 9.02 9.29 -5.56
C ASP A 124 10.29 8.57 -5.15
N SER A 125 10.18 7.47 -4.37
CA SER A 125 11.33 6.77 -3.85
C SER A 125 10.87 5.38 -3.39
N TYR A 126 11.85 4.64 -2.87
CA TYR A 126 11.69 3.23 -2.51
CA TYR A 126 11.70 3.23 -2.50
C TYR A 126 10.44 2.99 -1.68
N ALA A 127 9.71 1.92 -2.02
CA ALA A 127 8.59 1.40 -1.27
C ALA A 127 8.50 -0.11 -1.56
N SER A 128 7.88 -0.87 -0.66
CA SER A 128 7.82 -2.32 -0.84
C SER A 128 6.54 -2.90 -0.27
N ILE A 129 6.23 -4.10 -0.77
CA ILE A 129 5.20 -4.96 -0.17
C ILE A 129 5.80 -6.37 -0.09
N SER A 130 5.53 -7.03 1.03
CA SER A 130 6.13 -8.32 1.29
C SER A 130 5.20 -9.18 2.10
N ALA A 131 5.44 -10.51 1.99
CA ALA A 131 4.74 -11.45 2.82
C ALA A 131 5.67 -12.59 3.24
N VAL A 132 5.42 -12.99 4.47
CA VAL A 132 5.95 -14.26 4.99
C VAL A 132 4.80 -15.24 4.94
N ILE A 133 5.04 -16.40 4.29
CA ILE A 133 4.03 -17.44 4.15
C ILE A 133 4.48 -18.65 4.99
N GLN A 134 3.60 -19.05 5.90
CA GLN A 134 3.91 -20.12 6.85
C GLN A 134 2.73 -21.05 7.04
N CYS A 135 3.05 -22.27 7.52
N CYS A 135 3.00 -22.30 7.46
CA CYS A 135 2.08 -23.33 7.79
CA CYS A 135 1.95 -23.24 7.83
C CYS A 135 1.44 -23.20 9.19
C CYS A 135 1.22 -22.75 9.10
NA NA B . -1.34 -14.81 -9.03
#